data_7D9Z
#
_entry.id   7D9Z
#
_cell.length_a   163.452
_cell.length_b   53.048
_cell.length_c   54.313
_cell.angle_alpha   90.000
_cell.angle_beta   105.047
_cell.angle_gamma   90.000
#
_symmetry.space_group_name_H-M   'C 1 2 1'
#
loop_
_entity.id
_entity.type
_entity.pdbx_description
1 polymer 'Light chain of antibody Fab fragment'
2 polymer 'Heavy chain of antibody Fab fragment'
3 non-polymer 1,2-ETHANEDIOL
4 non-polymer 'CITRATE ANION'
5 water water
#
loop_
_entity_poly.entity_id
_entity_poly.type
_entity_poly.pdbx_seq_one_letter_code
_entity_poly.pdbx_strand_id
1 'polypeptide(L)'
;ADVVMTQTPSSVSAAVGGTVTINCQASQSISAYLAWYQQKPGQPPKLLIYDASDLASGVSSRFKGSGSGTQFTLTISDLE
CADAATYYCQTYYAIITYGAAFGGGTEVVVKRTVAAPSVFIFPPSDEQLKSGTASVVCLLNNFYPREAKVQWKVDNALQS
GNSQESVTEQDSKDCTYSLSSTLTLSKADYEKHKVYACEVTHQGLSSPVTKSFNRGEC
;
L
2 'polypeptide(L)'
;(PCA)SVEESGGRLVTPGTPLTLTCTVSGFSLSDYAMSWVRQAPGKGLEWIGIIYASGSTYYASWAKGRFTISKTSTTVD
LKITSPTTEDTATYFCARYYAGSDIWGPGTLVTVSSASTKGPSVFPLAPSSKSTSGGTAALGCLVKDYFPEPVTVSWNSG
ALTSGVHTFPAVLQSSGLYSLSSVVTVPSSSLGTQTYICNVNHKPSNTKVDKKVEPKSCDK
;
H
#
# COMPACT_ATOMS: atom_id res chain seq x y z
N ALA A 1 33.10 -2.77 1.65
CA ALA A 1 31.78 -2.27 2.14
C ALA A 1 30.69 -2.63 1.15
N ASP A 2 29.43 -2.66 1.62
CA ASP A 2 28.29 -3.01 0.76
C ASP A 2 28.22 -1.98 -0.39
N VAL A 3 27.97 -2.45 -1.63
CA VAL A 3 27.64 -1.56 -2.77
C VAL A 3 26.36 -0.80 -2.46
N VAL A 4 26.34 0.49 -2.82
CA VAL A 4 25.18 1.38 -2.69
C VAL A 4 24.68 1.69 -4.09
N MET A 5 23.37 1.59 -4.27
CA MET A 5 22.72 1.88 -5.53
C MET A 5 21.96 3.20 -5.36
N THR A 6 22.36 4.25 -6.09
CA THR A 6 21.71 5.56 -6.02
C THR A 6 20.73 5.64 -7.18
N GLN A 7 19.45 5.65 -6.84
CA GLN A 7 18.38 5.62 -7.82
C GLN A 7 17.75 6.99 -7.90
N THR A 8 17.61 7.51 -9.12
CA THR A 8 17.01 8.80 -9.36
C THR A 8 16.20 8.75 -10.64
N PRO A 9 15.22 9.65 -10.80
CA PRO A 9 14.70 10.57 -9.79
C PRO A 9 13.80 9.81 -8.79
N SER A 10 13.28 10.50 -7.78
N SER A 10 13.29 10.52 -7.78
CA SER A 10 12.38 9.84 -6.85
CA SER A 10 12.38 9.89 -6.84
C SER A 10 10.98 9.65 -7.43
C SER A 10 11.02 9.61 -7.48
N SER A 11 10.63 10.43 -8.45
CA SER A 11 9.36 10.27 -9.13
C SER A 11 9.53 10.76 -10.55
N VAL A 12 8.80 10.14 -11.47
N VAL A 12 8.89 10.04 -11.48
CA VAL A 12 8.89 10.48 -12.89
CA VAL A 12 8.83 10.38 -12.90
C VAL A 12 7.52 10.28 -13.51
C VAL A 12 7.37 10.37 -13.34
N SER A 13 7.22 11.08 -14.53
N SER A 13 7.12 11.03 -14.47
CA SER A 13 5.86 11.14 -15.04
CA SER A 13 5.77 11.07 -14.99
C SER A 13 5.84 11.29 -16.55
C SER A 13 5.79 11.30 -16.50
N ALA A 14 4.80 10.73 -17.16
CA ALA A 14 4.51 10.99 -18.55
C ALA A 14 3.04 10.66 -18.78
N ALA A 15 2.50 11.12 -19.89
CA ALA A 15 1.14 10.81 -20.25
C ALA A 15 1.01 9.36 -20.70
N VAL A 16 -0.22 8.86 -20.66
CA VAL A 16 -0.54 7.58 -21.27
C VAL A 16 0.02 7.55 -22.68
N GLY A 17 0.72 6.47 -23.02
CA GLY A 17 1.36 6.33 -24.31
C GLY A 17 2.76 6.87 -24.36
N GLY A 18 3.20 7.58 -23.32
CA GLY A 18 4.52 8.20 -23.30
C GLY A 18 5.58 7.28 -22.76
N THR A 19 6.74 7.86 -22.47
CA THR A 19 7.92 7.13 -22.03
C THR A 19 8.51 7.81 -20.80
N VAL A 20 8.95 6.99 -19.84
CA VAL A 20 9.74 7.48 -18.71
C VAL A 20 11.05 6.73 -18.64
N THR A 21 12.08 7.40 -18.12
N THR A 21 12.02 7.37 -17.96
CA THR A 21 13.33 6.74 -17.79
CA THR A 21 13.38 6.89 -17.80
C THR A 21 13.59 6.86 -16.30
C THR A 21 13.77 6.96 -16.32
N ILE A 22 14.25 5.83 -15.79
CA ILE A 22 14.59 5.69 -14.38
C ILE A 22 16.05 5.27 -14.33
N ASN A 23 16.84 5.90 -13.47
CA ASN A 23 18.29 5.72 -13.46
C ASN A 23 18.78 5.10 -12.17
N CYS A 24 19.82 4.30 -12.26
N CYS A 24 19.87 4.37 -12.29
CA CYS A 24 20.55 3.85 -11.08
CA CYS A 24 20.45 3.67 -11.15
C CYS A 24 22.06 3.97 -11.31
C CYS A 24 21.96 3.69 -11.32
N GLN A 25 22.77 4.38 -10.27
N GLN A 25 22.64 4.34 -10.38
CA GLN A 25 24.21 4.51 -10.28
CA GLN A 25 24.10 4.36 -10.33
C GLN A 25 24.79 3.67 -9.16
C GLN A 25 24.58 3.44 -9.22
N ALA A 26 25.64 2.70 -9.51
CA ALA A 26 26.29 1.84 -8.55
C ALA A 26 27.56 2.52 -8.05
N SER A 27 27.85 2.33 -6.76
CA SER A 27 28.98 2.98 -6.11
C SER A 27 30.33 2.44 -6.60
N GLN A 28 30.35 1.25 -7.19
CA GLN A 28 31.52 0.76 -7.92
C GLN A 28 30.98 -0.15 -9.02
N SER A 29 31.84 -0.60 -9.91
CA SER A 29 31.36 -1.37 -11.04
C SER A 29 30.74 -2.69 -10.61
N ILE A 30 29.53 -2.96 -11.12
CA ILE A 30 28.83 -4.22 -10.90
C ILE A 30 28.62 -5.00 -12.20
N SER A 31 29.35 -4.63 -13.25
N SER A 31 29.38 -4.65 -13.24
CA SER A 31 29.26 -5.30 -14.55
CA SER A 31 29.26 -5.29 -14.54
C SER A 31 27.82 -5.23 -15.04
C SER A 31 27.77 -5.26 -14.90
N ALA A 32 27.19 -6.35 -15.39
CA ALA A 32 25.80 -6.36 -15.82
C ALA A 32 24.86 -6.98 -14.80
N TYR A 33 25.31 -7.15 -13.55
CA TYR A 33 24.54 -7.87 -12.55
C TYR A 33 23.59 -6.96 -11.80
N LEU A 34 22.57 -6.53 -12.52
CA LEU A 34 21.59 -5.59 -12.05
C LEU A 34 20.20 -6.07 -12.47
N ALA A 35 19.26 -6.01 -11.51
CA ALA A 35 17.86 -6.33 -11.77
C ALA A 35 16.98 -5.12 -11.54
N TRP A 36 15.85 -5.07 -12.25
CA TRP A 36 14.81 -4.08 -12.06
C TRP A 36 13.52 -4.79 -11.67
N TYR A 37 12.77 -4.16 -10.75
CA TYR A 37 11.53 -4.71 -10.22
C TYR A 37 10.43 -3.65 -10.27
N GLN A 38 9.19 -4.12 -10.44
CA GLN A 38 7.99 -3.31 -10.28
C GLN A 38 7.28 -3.72 -8.99
N GLN A 39 6.79 -2.75 -8.24
CA GLN A 39 6.00 -3.07 -7.04
C GLN A 39 4.74 -2.23 -7.05
N LYS A 40 3.64 -2.89 -7.24
CA LYS A 40 2.34 -2.25 -7.17
C LYS A 40 1.89 -2.23 -5.73
N PRO A 41 0.98 -1.34 -5.40
CA PRO A 41 0.56 -1.20 -4.00
C PRO A 41 -0.03 -2.50 -3.47
N GLY A 42 0.40 -2.89 -2.28
CA GLY A 42 -0.06 -4.10 -1.60
C GLY A 42 0.55 -5.40 -2.06
N GLN A 43 1.37 -5.40 -3.09
CA GLN A 43 1.86 -6.61 -3.70
C GLN A 43 3.34 -6.78 -3.42
N PRO A 44 3.89 -7.98 -3.57
CA PRO A 44 5.34 -8.12 -3.60
C PRO A 44 5.92 -7.53 -4.86
N PRO A 45 7.20 -7.27 -4.85
CA PRO A 45 7.89 -6.90 -6.07
C PRO A 45 7.81 -8.00 -7.11
N LYS A 46 7.91 -7.58 -8.36
CA LYS A 46 7.94 -8.44 -9.54
C LYS A 46 9.20 -8.14 -10.35
N LEU A 47 9.97 -9.19 -10.63
CA LEU A 47 11.18 -9.04 -11.45
C LEU A 47 10.77 -8.69 -12.88
N LEU A 48 11.31 -7.59 -13.42
CA LEU A 48 11.10 -7.20 -14.82
C LEU A 48 12.28 -7.56 -15.72
N ILE A 49 13.49 -7.22 -15.26
CA ILE A 49 14.71 -7.26 -16.05
CA ILE A 49 14.69 -7.33 -16.07
C ILE A 49 15.80 -7.86 -15.16
N TYR A 50 16.63 -8.73 -15.72
CA TYR A 50 17.81 -9.23 -15.03
C TYR A 50 19.00 -9.09 -15.97
N ASP A 51 20.20 -9.23 -15.40
CA ASP A 51 21.44 -9.07 -16.15
C ASP A 51 21.42 -7.77 -16.97
N ALA A 52 20.87 -6.72 -16.35
CA ALA A 52 20.79 -5.36 -16.87
C ALA A 52 19.82 -5.16 -18.01
N SER A 53 19.65 -6.15 -18.90
CA SER A 53 18.89 -5.92 -20.12
C SER A 53 18.00 -7.09 -20.54
N ASP A 54 18.03 -8.23 -19.84
CA ASP A 54 17.24 -9.38 -20.26
C ASP A 54 15.85 -9.35 -19.61
N LEU A 55 14.81 -9.53 -20.42
CA LEU A 55 13.44 -9.52 -19.93
C LEU A 55 13.09 -10.82 -19.22
N ALA A 56 12.47 -10.70 -18.05
CA ALA A 56 11.88 -11.86 -17.40
C ALA A 56 10.71 -12.37 -18.23
N SER A 57 10.48 -13.67 -18.15
N SER A 57 10.47 -13.67 -18.15
CA SER A 57 9.44 -14.29 -18.97
CA SER A 57 9.44 -14.30 -18.97
C SER A 57 8.09 -13.64 -18.70
C SER A 57 8.08 -13.69 -18.69
N GLY A 58 7.34 -13.40 -19.76
CA GLY A 58 6.04 -12.81 -19.66
C GLY A 58 6.02 -11.31 -19.56
N VAL A 59 7.16 -10.68 -19.35
CA VAL A 59 7.18 -9.23 -19.17
C VAL A 59 7.18 -8.57 -20.53
N SER A 60 6.41 -7.49 -20.65
CA SER A 60 6.30 -6.77 -21.91
C SER A 60 7.62 -6.14 -22.33
N SER A 61 7.89 -6.16 -23.63
CA SER A 61 9.07 -5.50 -24.16
C SER A 61 8.97 -3.97 -24.11
N ARG A 62 7.83 -3.41 -23.65
CA ARG A 62 7.73 -2.00 -23.29
C ARG A 62 8.75 -1.63 -22.22
N PHE A 63 9.20 -2.62 -21.44
CA PHE A 63 10.21 -2.40 -20.40
C PHE A 63 11.57 -2.73 -20.98
N LYS A 64 12.50 -1.76 -20.96
CA LYS A 64 13.81 -1.93 -21.56
C LYS A 64 14.89 -1.53 -20.57
N GLY A 65 15.82 -2.45 -20.32
CA GLY A 65 16.95 -2.17 -19.45
C GLY A 65 18.21 -1.94 -20.26
N SER A 66 19.03 -0.99 -19.81
CA SER A 66 20.29 -0.70 -20.46
C SER A 66 21.34 -0.33 -19.42
N GLY A 67 22.57 -0.34 -19.87
CA GLY A 67 23.68 0.10 -19.07
C GLY A 67 24.59 -1.05 -18.65
N SER A 68 25.66 -0.67 -17.97
CA SER A 68 26.66 -1.61 -17.52
C SER A 68 27.60 -0.86 -16.59
N GLY A 69 28.33 -1.61 -15.75
CA GLY A 69 29.34 -0.99 -14.93
C GLY A 69 28.76 -0.26 -13.74
N THR A 70 28.67 1.06 -13.86
CA THR A 70 28.15 1.89 -12.79
C THR A 70 26.88 2.65 -13.14
N GLN A 71 26.37 2.57 -14.38
CA GLN A 71 25.20 3.35 -14.74
C GLN A 71 24.19 2.48 -15.48
N PHE A 72 22.93 2.53 -15.05
CA PHE A 72 21.85 1.68 -15.57
C PHE A 72 20.60 2.53 -15.74
N THR A 73 19.78 2.12 -16.71
CA THR A 73 18.52 2.79 -16.97
C THR A 73 17.43 1.77 -17.24
N LEU A 74 16.25 2.04 -16.71
CA LEU A 74 15.02 1.36 -17.10
C LEU A 74 14.17 2.38 -17.86
N THR A 75 13.78 2.02 -19.08
CA THR A 75 12.93 2.85 -19.93
C THR A 75 11.60 2.12 -20.08
N ILE A 76 10.51 2.79 -19.73
CA ILE A 76 9.16 2.25 -19.87
C ILE A 76 8.46 3.03 -20.97
N SER A 77 8.13 2.38 -22.08
CA SER A 77 7.46 3.03 -23.20
CA SER A 77 7.47 3.01 -23.22
C SER A 77 5.99 2.63 -23.28
N ASP A 78 5.25 3.35 -24.11
CA ASP A 78 3.81 3.12 -24.29
C ASP A 78 3.10 3.02 -22.93
N LEU A 79 3.34 4.02 -22.10
CA LEU A 79 2.94 3.96 -20.70
C LEU A 79 1.44 3.75 -20.56
N GLU A 80 1.06 2.94 -19.58
CA GLU A 80 -0.33 2.63 -19.28
C GLU A 80 -0.63 3.01 -17.83
N CYS A 81 -1.91 3.24 -17.53
CA CYS A 81 -2.29 3.50 -16.14
C CYS A 81 -1.81 2.40 -15.21
N ALA A 82 -1.79 1.15 -15.67
CA ALA A 82 -1.37 0.03 -14.84
C ALA A 82 0.11 0.06 -14.50
N ASP A 83 0.89 0.92 -15.16
CA ASP A 83 2.29 1.09 -14.83
C ASP A 83 2.53 1.98 -13.62
N ALA A 84 1.50 2.63 -13.09
CA ALA A 84 1.65 3.44 -11.89
C ALA A 84 2.04 2.51 -10.75
N ALA A 85 3.25 2.69 -10.22
CA ALA A 85 3.86 1.74 -9.31
C ALA A 85 5.19 2.34 -8.88
N THR A 86 5.87 1.67 -7.98
CA THR A 86 7.25 2.02 -7.63
C THR A 86 8.19 0.99 -8.23
N TYR A 87 9.29 1.45 -8.79
CA TYR A 87 10.26 0.59 -9.43
C TYR A 87 11.57 0.68 -8.68
N TYR A 88 12.28 -0.45 -8.60
CA TYR A 88 13.53 -0.56 -7.86
C TYR A 88 14.60 -1.26 -8.68
N CYS A 89 15.83 -0.78 -8.61
N CYS A 89 15.85 -0.80 -8.53
CA CYS A 89 16.96 -1.58 -9.07
CA CYS A 89 17.04 -1.47 -9.05
C CYS A 89 17.55 -2.36 -7.90
C CYS A 89 17.82 -2.15 -7.93
N GLN A 90 18.41 -3.31 -8.22
CA GLN A 90 19.14 -4.08 -7.21
C GLN A 90 20.43 -4.62 -7.81
N THR A 91 21.53 -4.47 -7.09
CA THR A 91 22.76 -5.15 -7.45
C THR A 91 22.74 -6.59 -6.97
N TYR A 92 23.33 -7.47 -7.78
CA TYR A 92 23.66 -8.82 -7.31
C TYR A 92 25.06 -9.22 -7.76
N TYR A 93 25.93 -8.26 -7.96
CA TYR A 93 27.32 -8.54 -8.26
C TYR A 93 28.07 -8.97 -7.01
N ALA A 94 28.63 -10.17 -7.05
CA ALA A 94 29.54 -10.64 -5.99
C ALA A 94 28.91 -10.37 -4.61
N ILE A 95 27.72 -10.93 -4.39
CA ILE A 95 26.96 -10.68 -3.15
C ILE A 95 27.79 -11.01 -1.93
N ILE A 96 28.59 -12.09 -1.99
CA ILE A 96 29.36 -12.53 -0.84
C ILE A 96 30.36 -11.49 -0.39
N THR A 97 30.72 -10.57 -1.27
CA THR A 97 31.63 -9.48 -0.95
C THR A 97 30.92 -8.16 -0.78
N TYR A 98 29.88 -7.90 -1.57
CA TYR A 98 29.31 -6.57 -1.70
C TYR A 98 27.84 -6.43 -1.34
N GLY A 99 27.16 -7.52 -1.00
CA GLY A 99 25.76 -7.50 -0.68
C GLY A 99 24.89 -7.34 -1.91
N ALA A 100 23.59 -7.19 -1.68
CA ALA A 100 22.59 -7.15 -2.76
C ALA A 100 21.62 -6.00 -2.52
N ALA A 101 22.14 -4.79 -2.32
CA ALA A 101 21.28 -3.66 -2.00
C ALA A 101 20.38 -3.27 -3.14
N PHE A 102 19.19 -2.80 -2.77
CA PHE A 102 18.26 -2.14 -3.66
C PHE A 102 18.50 -0.64 -3.72
N GLY A 103 18.22 -0.07 -4.87
CA GLY A 103 18.05 1.38 -4.95
C GLY A 103 16.83 1.83 -4.14
N GLY A 104 16.71 3.15 -3.96
CA GLY A 104 15.69 3.72 -3.11
C GLY A 104 14.30 3.74 -3.70
N GLY A 105 14.13 3.44 -4.97
CA GLY A 105 12.83 3.41 -5.62
C GLY A 105 12.51 4.69 -6.36
N THR A 106 11.69 4.53 -7.40
CA THR A 106 11.15 5.63 -8.18
C THR A 106 9.68 5.36 -8.41
N GLU A 107 8.84 6.33 -8.07
N GLU A 107 8.84 6.32 -8.03
CA GLU A 107 7.42 6.26 -8.34
CA GLU A 107 7.42 6.27 -8.35
C GLU A 107 7.14 6.78 -9.76
C GLU A 107 7.22 6.71 -9.81
N VAL A 108 6.29 6.06 -10.50
CA VAL A 108 5.83 6.48 -11.82
C VAL A 108 4.41 7.01 -11.68
N VAL A 109 4.20 8.23 -12.17
CA VAL A 109 2.90 8.90 -12.20
C VAL A 109 2.47 8.98 -13.65
N VAL A 110 1.29 8.45 -13.95
CA VAL A 110 0.82 8.39 -15.32
C VAL A 110 -0.20 9.51 -15.52
N LYS A 111 0.10 10.42 -16.43
CA LYS A 111 -0.72 11.61 -16.60
C LYS A 111 -1.88 11.35 -17.56
N ARG A 112 -2.98 12.07 -17.32
CA ARG A 112 -4.18 11.93 -18.13
C ARG A 112 -4.93 13.25 -18.10
N THR A 113 -6.06 13.30 -18.80
CA THR A 113 -6.86 14.49 -18.80
C THR A 113 -7.47 14.72 -17.42
N VAL A 114 -7.84 15.97 -17.19
CA VAL A 114 -8.45 16.35 -15.93
C VAL A 114 -9.76 15.62 -15.73
N ALA A 115 -9.98 15.14 -14.52
CA ALA A 115 -11.22 14.50 -14.13
C ALA A 115 -11.66 15.06 -12.79
N ALA A 116 -12.83 15.70 -12.77
CA ALA A 116 -13.37 16.22 -11.54
C ALA A 116 -13.83 15.10 -10.60
N PRO A 117 -13.69 15.29 -9.30
CA PRO A 117 -14.24 14.31 -8.36
C PRO A 117 -15.75 14.40 -8.27
N SER A 118 -16.38 13.26 -8.01
N SER A 118 -16.35 13.28 -7.93
CA SER A 118 -17.71 13.24 -7.42
CA SER A 118 -17.70 13.23 -7.39
C SER A 118 -17.52 13.30 -5.90
C SER A 118 -17.58 13.23 -5.88
N VAL A 119 -18.38 14.05 -5.23
CA VAL A 119 -18.23 14.35 -3.81
C VAL A 119 -19.43 13.83 -3.05
N PHE A 120 -19.16 13.22 -1.89
CA PHE A 120 -20.20 12.66 -1.04
C PHE A 120 -19.85 12.93 0.43
N ILE A 121 -20.86 13.22 1.23
CA ILE A 121 -20.67 13.41 2.67
C ILE A 121 -21.49 12.37 3.42
N PHE A 122 -20.92 11.85 4.51
CA PHE A 122 -21.54 10.82 5.32
C PHE A 122 -21.60 11.28 6.77
N PRO A 123 -22.77 11.35 7.38
CA PRO A 123 -22.86 11.67 8.81
C PRO A 123 -22.42 10.49 9.64
N PRO A 124 -22.13 10.71 10.92
CA PRO A 124 -21.85 9.58 11.81
C PRO A 124 -23.09 8.73 11.99
N SER A 125 -22.85 7.44 12.15
CA SER A 125 -23.93 6.51 12.47
C SER A 125 -24.39 6.66 13.91
N ASP A 126 -25.65 6.33 14.16
CA ASP A 126 -26.13 6.31 15.53
C ASP A 126 -25.32 5.33 16.38
N GLU A 127 -24.93 4.18 15.80
CA GLU A 127 -24.14 3.22 16.55
C GLU A 127 -22.84 3.84 17.05
N GLN A 128 -22.14 4.58 16.19
CA GLN A 128 -20.88 5.17 16.62
C GLN A 128 -21.10 6.16 17.74
N LEU A 129 -22.19 6.92 17.69
CA LEU A 129 -22.41 7.92 18.74
C LEU A 129 -22.40 7.33 20.13
N LYS A 130 -22.74 6.04 20.29
CA LYS A 130 -22.67 5.39 21.61
C LYS A 130 -21.24 5.33 22.17
N SER A 131 -20.24 5.43 21.31
CA SER A 131 -18.85 5.48 21.75
C SER A 131 -18.43 6.81 22.32
N GLY A 132 -19.23 7.85 22.17
CA GLY A 132 -18.85 9.18 22.58
C GLY A 132 -18.06 9.93 21.55
N THR A 133 -17.89 9.40 20.33
CA THR A 133 -17.18 10.05 19.24
C THR A 133 -18.03 9.99 17.98
N ALA A 134 -17.87 11.02 17.14
CA ALA A 134 -18.54 11.12 15.86
C ALA A 134 -17.50 11.32 14.76
N SER A 135 -17.58 10.49 13.73
CA SER A 135 -16.75 10.64 12.54
C SER A 135 -17.63 11.10 11.38
N VAL A 136 -17.24 12.20 10.72
CA VAL A 136 -17.91 12.71 9.53
C VAL A 136 -16.96 12.51 8.36
N VAL A 137 -17.43 11.90 7.29
CA VAL A 137 -16.55 11.55 6.18
C VAL A 137 -16.99 12.27 4.91
N CYS A 138 -16.02 12.91 4.27
CA CYS A 138 -16.17 13.47 2.93
C CYS A 138 -15.35 12.65 1.95
N LEU A 139 -15.99 12.16 0.89
CA LEU A 139 -15.37 11.32 -0.13
C LEU A 139 -15.27 12.09 -1.43
N LEU A 140 -14.07 12.10 -2.00
CA LEU A 140 -13.82 12.63 -3.33
C LEU A 140 -13.46 11.43 -4.19
N ASN A 141 -14.30 11.12 -5.17
CA ASN A 141 -14.16 9.88 -5.92
C ASN A 141 -13.68 10.13 -7.34
N ASN A 142 -12.58 9.45 -7.71
N ASN A 142 -12.61 9.40 -7.69
CA ASN A 142 -12.14 9.29 -9.11
CA ASN A 142 -12.05 9.27 -9.04
C ASN A 142 -11.77 10.63 -9.78
C ASN A 142 -11.79 10.61 -9.70
N PHE A 143 -10.71 11.24 -9.28
CA PHE A 143 -10.30 12.53 -9.80
C PHE A 143 -8.84 12.53 -10.24
N TYR A 144 -8.51 13.49 -11.10
CA TYR A 144 -7.13 13.67 -11.57
C TYR A 144 -6.99 15.13 -11.98
N PRO A 145 -5.89 15.80 -11.63
CA PRO A 145 -4.71 15.35 -10.90
C PRO A 145 -4.95 15.24 -9.40
N ARG A 146 -3.88 14.88 -8.71
CA ARG A 146 -3.94 14.56 -7.28
C ARG A 146 -4.34 15.76 -6.44
N GLU A 147 -3.89 16.96 -6.81
CA GLU A 147 -4.15 18.11 -5.96
C GLU A 147 -5.63 18.33 -5.80
N ALA A 148 -6.06 18.48 -4.56
CA ALA A 148 -7.47 18.68 -4.24
C ALA A 148 -7.55 19.35 -2.89
N LYS A 149 -8.47 20.29 -2.75
CA LYS A 149 -8.60 21.06 -1.52
C LYS A 149 -9.94 20.76 -0.87
N VAL A 150 -9.89 20.31 0.38
CA VAL A 150 -11.07 19.96 1.14
C VAL A 150 -11.18 20.90 2.31
N GLN A 151 -12.30 21.60 2.38
CA GLN A 151 -12.58 22.54 3.45
C GLN A 151 -13.75 22.03 4.29
N TRP A 152 -13.54 21.93 5.59
CA TRP A 152 -14.61 21.59 6.52
C TRP A 152 -15.10 22.83 7.23
N LYS A 153 -16.42 22.99 7.30
CA LYS A 153 -17.03 24.03 8.12
C LYS A 153 -18.13 23.40 8.95
N VAL A 154 -18.21 23.83 10.20
CA VAL A 154 -19.25 23.42 11.14
C VAL A 154 -19.92 24.69 11.61
N ASP A 155 -21.24 24.81 11.37
CA ASP A 155 -21.95 26.06 11.57
C ASP A 155 -21.17 27.27 11.02
N ASN A 156 -20.63 27.10 9.82
CA ASN A 156 -19.92 28.11 9.05
C ASN A 156 -18.58 28.52 9.63
N ALA A 157 -18.07 27.80 10.64
CA ALA A 157 -16.76 28.07 11.21
C ALA A 157 -15.75 27.12 10.58
N LEU A 158 -14.67 27.66 10.06
CA LEU A 158 -13.63 26.84 9.45
C LEU A 158 -12.97 25.94 10.49
N GLN A 159 -12.77 24.68 10.12
CA GLN A 159 -12.17 23.67 10.98
C GLN A 159 -10.78 23.31 10.49
N SER A 160 -9.90 23.00 11.43
CA SER A 160 -8.62 22.37 11.15
C SER A 160 -8.19 21.64 12.41
N GLY A 161 -7.27 20.72 12.22
CA GLY A 161 -6.65 20.03 13.30
C GLY A 161 -7.38 18.80 13.78
N ASN A 162 -8.60 18.59 13.31
CA ASN A 162 -9.47 17.48 13.69
C ASN A 162 -9.83 16.61 12.49
N SER A 163 -9.10 16.73 11.39
CA SER A 163 -9.36 15.90 10.21
C SER A 163 -8.08 15.23 9.73
N GLN A 164 -8.26 14.10 9.03
CA GLN A 164 -7.18 13.35 8.44
C GLN A 164 -7.63 12.92 7.05
N GLU A 165 -6.74 13.04 6.08
CA GLU A 165 -6.94 12.58 4.72
C GLU A 165 -6.23 11.26 4.43
N SER A 166 -6.87 10.44 3.62
N SER A 166 -6.79 10.51 3.48
CA SER A 166 -6.26 9.24 3.06
CA SER A 166 -6.14 9.30 2.97
C SER A 166 -6.55 9.29 1.57
C SER A 166 -6.51 9.16 1.51
N VAL A 167 -5.60 8.79 0.78
N VAL A 167 -5.52 8.87 0.67
CA VAL A 167 -5.69 8.81 -0.67
CA VAL A 167 -5.67 8.89 -0.78
C VAL A 167 -5.30 7.44 -1.20
C VAL A 167 -5.19 7.56 -1.37
N THR A 168 -5.99 6.99 -2.25
CA THR A 168 -5.60 5.77 -2.91
C THR A 168 -4.48 6.04 -3.94
N GLU A 169 -3.83 4.97 -4.40
N GLU A 169 -3.88 4.95 -4.39
CA GLU A 169 -2.92 5.12 -5.52
CA GLU A 169 -2.98 4.91 -5.55
C GLU A 169 -3.69 5.13 -6.85
C GLU A 169 -3.75 5.27 -6.83
N GLN A 170 -3.02 5.58 -7.91
CA GLN A 170 -3.69 5.76 -9.21
C GLN A 170 -4.36 4.45 -9.62
N ASP A 171 -5.59 4.57 -10.08
CA ASP A 171 -6.35 3.41 -10.53
C ASP A 171 -5.70 2.82 -11.78
N SER A 172 -5.66 1.49 -11.83
CA SER A 172 -4.96 0.80 -12.89
C SER A 172 -5.67 0.88 -14.24
N LYS A 173 -6.96 1.23 -14.27
CA LYS A 173 -7.66 1.44 -15.53
C LYS A 173 -7.81 2.91 -15.90
N ASP A 174 -8.14 3.79 -14.94
CA ASP A 174 -8.47 5.16 -15.31
C ASP A 174 -7.50 6.21 -14.77
N CYS A 175 -6.43 5.82 -14.08
CA CYS A 175 -5.38 6.73 -13.64
C CYS A 175 -5.83 7.73 -12.58
N THR A 176 -7.04 7.59 -12.02
CA THR A 176 -7.49 8.56 -11.04
C THR A 176 -7.11 8.18 -9.61
N TYR A 177 -7.30 9.14 -8.73
CA TYR A 177 -7.19 9.01 -7.29
C TYR A 177 -8.57 9.11 -6.67
N SER A 178 -8.70 8.58 -5.46
CA SER A 178 -9.84 8.87 -4.59
C SER A 178 -9.29 9.26 -3.23
N LEU A 179 -10.08 10.03 -2.48
CA LEU A 179 -9.62 10.62 -1.24
C LEU A 179 -10.75 10.67 -0.24
N SER A 180 -10.43 10.34 0.99
CA SER A 180 -11.34 10.56 2.10
C SER A 180 -10.78 11.62 3.03
N SER A 181 -11.66 12.47 3.54
CA SER A 181 -11.32 13.40 4.62
C SER A 181 -12.27 13.09 5.78
N THR A 182 -11.72 12.73 6.93
CA THR A 182 -12.52 12.29 8.07
C THR A 182 -12.33 13.30 9.17
N LEU A 183 -13.43 13.95 9.54
CA LEU A 183 -13.48 14.89 10.66
C LEU A 183 -13.92 14.11 11.90
N THR A 184 -13.16 14.20 12.99
CA THR A 184 -13.47 13.49 14.22
C THR A 184 -13.77 14.49 15.32
N LEU A 185 -14.94 14.35 15.94
CA LEU A 185 -15.36 15.20 17.03
C LEU A 185 -15.88 14.32 18.16
N SER A 186 -15.90 14.85 19.37
CA SER A 186 -16.63 14.14 20.40
C SER A 186 -18.13 14.20 20.09
N LYS A 187 -18.86 13.19 20.58
CA LYS A 187 -20.31 13.23 20.48
C LYS A 187 -20.84 14.49 21.11
N ALA A 188 -20.28 14.86 22.26
CA ALA A 188 -20.75 16.05 22.95
C ALA A 188 -20.61 17.28 22.06
N ASP A 189 -19.46 17.43 21.40
CA ASP A 189 -19.27 18.58 20.52
C ASP A 189 -20.15 18.47 19.28
N TYR A 190 -20.28 17.26 18.73
CA TYR A 190 -21.10 17.07 17.54
C TYR A 190 -22.52 17.53 17.79
N GLU A 191 -23.06 17.25 18.98
CA GLU A 191 -24.44 17.57 19.29
C GLU A 191 -24.66 19.06 19.57
N LYS A 192 -23.60 19.85 19.63
CA LYS A 192 -23.71 21.30 19.85
C LYS A 192 -23.84 22.10 18.55
N HIS A 193 -23.75 21.45 17.39
CA HIS A 193 -23.74 22.16 16.11
C HIS A 193 -24.71 21.51 15.13
N LYS A 194 -25.12 22.28 14.12
N LYS A 194 -25.10 22.28 14.11
CA LYS A 194 -26.14 21.84 13.18
CA LYS A 194 -26.15 21.85 13.19
C LYS A 194 -25.57 21.49 11.82
C LYS A 194 -25.65 21.53 11.79
N VAL A 195 -24.91 22.42 11.15
CA VAL A 195 -24.56 22.27 9.75
C VAL A 195 -23.14 21.76 9.64
N TYR A 196 -22.98 20.65 8.94
CA TYR A 196 -21.68 20.04 8.66
C TYR A 196 -21.49 20.09 7.16
N ALA A 197 -20.40 20.70 6.71
CA ALA A 197 -20.21 20.95 5.29
C ALA A 197 -18.79 20.69 4.84
N CYS A 198 -18.65 19.98 3.73
CA CYS A 198 -17.38 19.73 3.07
CA CYS A 198 -17.35 19.84 3.11
C CYS A 198 -17.42 20.46 1.73
N GLU A 199 -16.45 21.33 1.47
CA GLU A 199 -16.35 22.05 0.21
C GLU A 199 -15.08 21.62 -0.49
N VAL A 200 -15.20 21.22 -1.75
CA VAL A 200 -14.10 20.68 -2.53
C VAL A 200 -13.75 21.64 -3.65
N THR A 201 -12.47 21.95 -3.78
CA THR A 201 -11.91 22.68 -4.89
C THR A 201 -10.97 21.76 -5.65
N HIS A 202 -11.11 21.74 -6.98
CA HIS A 202 -10.31 20.87 -7.83
C HIS A 202 -10.28 21.49 -9.22
N GLN A 203 -9.18 21.24 -9.94
CA GLN A 203 -9.02 21.80 -11.28
C GLN A 203 -10.18 21.46 -12.21
N GLY A 204 -10.81 20.30 -12.02
CA GLY A 204 -11.90 19.89 -12.89
C GLY A 204 -13.25 20.48 -12.57
N LEU A 205 -13.34 21.23 -11.48
CA LEU A 205 -14.58 21.85 -11.02
C LEU A 205 -14.51 23.35 -11.33
N SER A 206 -15.51 23.83 -12.07
CA SER A 206 -15.50 25.25 -12.46
C SER A 206 -15.68 26.16 -11.25
N SER A 207 -16.34 25.68 -10.21
CA SER A 207 -16.40 26.36 -8.92
C SER A 207 -16.50 25.29 -7.85
N PRO A 208 -16.19 25.62 -6.60
CA PRO A 208 -16.15 24.58 -5.57
C PRO A 208 -17.51 23.91 -5.39
N VAL A 209 -17.47 22.63 -5.02
CA VAL A 209 -18.67 21.85 -4.75
C VAL A 209 -18.80 21.65 -3.25
N THR A 210 -19.99 21.90 -2.71
CA THR A 210 -20.25 21.72 -1.29
C THR A 210 -21.28 20.62 -1.10
N LYS A 211 -20.96 19.70 -0.19
CA LYS A 211 -21.91 18.69 0.27
C LYS A 211 -22.06 18.88 1.77
N SER A 212 -23.30 18.85 2.23
CA SER A 212 -23.57 19.18 3.61
C SER A 212 -24.75 18.39 4.11
N PHE A 213 -24.84 18.32 5.43
CA PHE A 213 -26.06 17.83 6.06
C PHE A 213 -26.30 18.60 7.35
N ASN A 214 -27.55 18.57 7.80
CA ASN A 214 -27.96 19.14 9.08
C ASN A 214 -28.12 18.00 10.08
N ARG A 215 -27.41 18.08 11.19
CA ARG A 215 -27.54 17.03 12.19
C ARG A 215 -29.01 16.83 12.57
N GLY A 216 -29.46 15.58 12.56
CA GLY A 216 -30.80 15.24 12.96
C GLY A 216 -31.84 15.30 11.86
N GLU A 217 -31.47 15.66 10.64
CA GLU A 217 -32.44 15.79 9.55
C GLU A 217 -32.23 14.72 8.50
N SER B 2 6.70 -21.48 -5.90
CA SER B 2 6.17 -20.40 -5.09
C SER B 2 6.74 -20.49 -3.68
N VAL B 3 6.57 -19.40 -2.94
CA VAL B 3 6.97 -19.31 -1.55
C VAL B 3 5.89 -18.57 -0.78
N GLU B 4 5.89 -18.76 0.54
CA GLU B 4 4.92 -18.07 1.39
C GLU B 4 5.51 -17.84 2.76
N GLU B 5 5.51 -16.59 3.19
CA GLU B 5 6.03 -16.21 4.49
C GLU B 5 4.93 -16.31 5.54
N SER B 6 5.34 -16.64 6.76
CA SER B 6 4.45 -16.68 7.91
C SER B 6 5.21 -16.24 9.17
N GLY B 7 4.47 -15.98 10.23
CA GLY B 7 5.02 -15.70 11.54
C GLY B 7 5.02 -14.26 11.92
N GLY B 8 4.72 -13.35 11.00
CA GLY B 8 4.64 -11.94 11.33
C GLY B 8 3.51 -11.66 12.28
N ARG B 9 3.80 -10.96 13.37
CA ARG B 9 2.82 -10.69 14.42
C ARG B 9 3.32 -9.50 15.24
N LEU B 10 2.49 -9.08 16.18
CA LEU B 10 2.83 -8.05 17.15
C LEU B 10 3.69 -8.68 18.24
N VAL B 11 4.85 -8.07 18.50
CA VAL B 11 5.72 -8.50 19.57
C VAL B 11 6.20 -7.29 20.32
N THR B 12 6.52 -7.48 21.60
CA THR B 12 7.05 -6.40 22.40
C THR B 12 8.54 -6.20 22.06
N PRO B 13 9.05 -4.98 22.20
CA PRO B 13 10.47 -4.76 21.91
C PRO B 13 11.34 -5.69 22.71
N GLY B 14 12.36 -6.25 22.06
CA GLY B 14 13.30 -7.13 22.72
C GLY B 14 12.92 -8.60 22.73
N THR B 15 11.73 -8.95 22.26
CA THR B 15 11.29 -10.34 22.21
C THR B 15 11.71 -10.98 20.90
N PRO B 16 12.61 -11.97 20.89
CA PRO B 16 13.00 -12.58 19.63
C PRO B 16 11.80 -13.11 18.87
N LEU B 17 11.84 -12.95 17.55
CA LEU B 17 10.74 -13.37 16.70
C LEU B 17 11.30 -14.10 15.50
N THR B 18 10.74 -15.26 15.17
CA THR B 18 11.15 -16.03 14.00
C THR B 18 10.05 -16.07 12.96
N LEU B 19 10.42 -15.68 11.75
CA LEU B 19 9.58 -15.75 10.58
C LEU B 19 9.98 -16.97 9.77
N THR B 20 9.01 -17.54 9.05
CA THR B 20 9.23 -18.73 8.25
C THR B 20 8.82 -18.48 6.80
N CYS B 21 9.68 -18.95 5.90
CA CYS B 21 9.45 -18.96 4.46
C CYS B 21 9.30 -20.41 4.01
N THR B 22 8.10 -20.77 3.60
CA THR B 22 7.81 -22.10 3.09
C THR B 22 7.97 -22.08 1.59
N VAL B 23 8.72 -23.02 1.04
CA VAL B 23 8.93 -23.09 -0.41
C VAL B 23 8.24 -24.29 -1.00
N SER B 24 7.90 -24.16 -2.29
CA SER B 24 7.21 -25.22 -3.01
C SER B 24 7.59 -25.18 -4.50
N GLY B 25 7.79 -26.37 -5.09
CA GLY B 25 8.03 -26.47 -6.53
C GLY B 25 9.47 -26.24 -6.95
N PHE B 26 10.37 -26.09 -5.98
CA PHE B 26 11.81 -26.07 -6.21
C PHE B 26 12.46 -26.47 -4.90
N SER B 27 13.73 -26.83 -4.98
CA SER B 27 14.51 -27.31 -3.86
C SER B 27 15.48 -26.25 -3.35
N LEU B 28 15.59 -26.16 -2.03
CA LEU B 28 16.60 -25.33 -1.40
C LEU B 28 18.00 -25.90 -1.56
N SER B 29 18.14 -27.13 -2.04
N SER B 29 18.12 -27.14 -2.04
CA SER B 29 19.46 -27.64 -2.39
CA SER B 29 19.42 -27.67 -2.42
C SER B 29 19.91 -27.16 -3.77
C SER B 29 19.93 -27.05 -3.71
N ASP B 30 19.03 -26.46 -4.50
CA ASP B 30 19.32 -25.94 -5.83
C ASP B 30 19.36 -24.43 -5.91
N TYR B 31 18.85 -23.72 -4.90
CA TYR B 31 18.71 -22.27 -5.00
C TYR B 31 19.01 -21.60 -3.65
N ALA B 32 19.65 -20.43 -3.73
CA ALA B 32 19.75 -19.53 -2.60
C ALA B 32 18.45 -18.77 -2.38
N MET B 33 18.24 -18.32 -1.15
CA MET B 33 17.05 -17.55 -0.77
C MET B 33 17.51 -16.33 0.01
N SER B 34 16.85 -15.20 -0.25
CA SER B 34 17.08 -13.98 0.51
C SER B 34 15.85 -13.62 1.34
N TRP B 35 16.09 -12.82 2.39
CA TRP B 35 15.04 -12.10 3.09
C TRP B 35 15.19 -10.61 2.80
N VAL B 36 14.06 -9.93 2.64
CA VAL B 36 13.97 -8.54 2.26
C VAL B 36 12.88 -7.93 3.13
N ARG B 37 13.04 -6.71 3.57
CA ARG B 37 11.92 -6.11 4.24
C ARG B 37 11.62 -4.72 3.73
N GLN B 38 10.49 -4.20 4.20
CA GLN B 38 9.95 -2.94 3.70
C GLN B 38 9.12 -2.33 4.82
N ALA B 39 9.62 -1.26 5.43
CA ALA B 39 8.85 -0.52 6.42
C ALA B 39 7.69 0.18 5.74
N PRO B 40 6.58 0.40 6.45
CA PRO B 40 5.44 1.06 5.83
C PRO B 40 5.81 2.33 5.10
N GLY B 41 5.47 2.39 3.82
CA GLY B 41 5.70 3.57 3.02
C GLY B 41 7.12 3.74 2.51
N LYS B 42 8.04 2.83 2.82
CA LYS B 42 9.45 2.97 2.50
C LYS B 42 9.88 1.94 1.44
N GLY B 43 11.20 1.83 1.24
CA GLY B 43 11.73 1.02 0.18
C GLY B 43 12.07 -0.39 0.59
N LEU B 44 12.49 -1.17 -0.39
CA LEU B 44 12.96 -2.52 -0.17
C LEU B 44 14.36 -2.49 0.43
N GLU B 45 14.59 -3.35 1.43
CA GLU B 45 15.87 -3.45 2.14
C GLU B 45 16.31 -4.91 2.17
N TRP B 46 17.41 -5.23 1.50
CA TRP B 46 17.91 -6.60 1.49
C TRP B 46 18.59 -6.88 2.83
N ILE B 47 18.16 -7.94 3.52
CA ILE B 47 18.69 -8.31 4.82
C ILE B 47 19.84 -9.29 4.70
N GLY B 48 19.68 -10.35 3.92
CA GLY B 48 20.72 -11.37 3.80
C GLY B 48 20.25 -12.49 2.91
N ILE B 49 21.15 -13.45 2.72
CA ILE B 49 20.96 -14.57 1.81
C ILE B 49 21.51 -15.83 2.45
N ILE B 50 20.89 -16.97 2.13
CA ILE B 50 21.42 -18.28 2.49
C ILE B 50 21.57 -19.11 1.22
N TYR B 51 22.81 -19.50 0.94
CA TYR B 51 23.12 -20.25 -0.25
C TYR B 51 22.69 -21.69 -0.11
N ALA B 52 22.64 -22.39 -1.24
CA ALA B 52 22.24 -23.79 -1.22
C ALA B 52 23.07 -24.59 -0.22
N SER B 53 24.39 -24.36 -0.19
CA SER B 53 25.29 -25.12 0.69
C SER B 53 25.30 -24.61 2.12
N GLY B 54 24.51 -23.58 2.45
CA GLY B 54 24.26 -23.21 3.82
C GLY B 54 24.94 -21.95 4.30
N SER B 55 25.89 -21.40 3.56
CA SER B 55 26.54 -20.19 4.04
C SER B 55 25.59 -19.02 3.96
N THR B 56 25.64 -18.20 5.00
N THR B 56 25.79 -18.08 4.88
CA THR B 56 24.78 -17.04 5.12
CA THR B 56 24.80 -17.06 5.13
C THR B 56 25.62 -15.78 5.04
C THR B 56 25.49 -15.71 5.22
N TYR B 57 25.05 -14.77 4.38
CA TYR B 57 25.68 -13.46 4.24
C TYR B 57 24.65 -12.40 4.51
N TYR B 58 25.04 -11.35 5.24
CA TYR B 58 24.11 -10.36 5.71
C TYR B 58 24.52 -8.96 5.25
N ALA B 59 23.52 -8.09 5.06
CA ALA B 59 23.82 -6.67 4.96
C ALA B 59 24.57 -6.21 6.20
N SER B 60 25.36 -5.15 6.03
CA SER B 60 26.21 -4.70 7.11
C SER B 60 25.44 -4.38 8.39
N TRP B 61 24.26 -3.80 8.27
CA TRP B 61 23.42 -3.45 9.44
C TRP B 61 22.69 -4.65 10.00
N ALA B 62 22.60 -5.74 9.23
CA ALA B 62 21.87 -6.92 9.66
C ALA B 62 22.75 -7.87 10.44
N LYS B 63 24.06 -7.79 10.27
CA LYS B 63 24.96 -8.71 10.94
C LYS B 63 24.76 -8.61 12.45
N GLY B 64 24.55 -9.76 13.10
CA GLY B 64 24.34 -9.80 14.52
C GLY B 64 22.97 -9.38 14.99
N ARG B 65 22.08 -8.96 14.09
CA ARG B 65 20.72 -8.58 14.43
C ARG B 65 19.67 -9.52 13.88
N PHE B 66 20.07 -10.40 12.98
CA PHE B 66 19.19 -11.37 12.37
C PHE B 66 19.99 -12.65 12.21
N THR B 67 19.30 -13.78 12.27
CA THR B 67 19.87 -15.07 11.90
C THR B 67 18.98 -15.74 10.87
N ILE B 68 19.57 -16.08 9.73
CA ILE B 68 18.90 -16.85 8.69
C ILE B 68 19.36 -18.28 8.82
N SER B 69 18.40 -19.21 8.74
CA SER B 69 18.70 -20.63 8.78
C SER B 69 17.72 -21.33 7.85
N LYS B 70 17.94 -22.62 7.61
CA LYS B 70 17.00 -23.34 6.77
C LYS B 70 16.88 -24.80 7.16
N THR B 71 15.74 -25.36 6.83
CA THR B 71 15.50 -26.80 6.88
C THR B 71 15.58 -27.30 5.44
N SER B 72 15.08 -28.52 5.19
CA SER B 72 15.11 -28.98 3.80
C SER B 72 14.15 -28.20 2.90
N THR B 73 13.07 -27.60 3.48
CA THR B 73 12.04 -26.96 2.67
C THR B 73 11.57 -25.60 3.17
N THR B 74 12.15 -25.07 4.24
CA THR B 74 11.80 -23.76 4.76
C THR B 74 13.06 -22.97 5.03
N VAL B 75 12.91 -21.65 5.05
CA VAL B 75 13.97 -20.75 5.49
C VAL B 75 13.39 -19.90 6.60
N ASP B 76 14.13 -19.76 7.69
CA ASP B 76 13.71 -18.93 8.81
C ASP B 76 14.52 -17.65 8.86
N LEU B 77 13.91 -16.61 9.40
CA LEU B 77 14.56 -15.37 9.76
C LEU B 77 14.25 -15.07 11.22
N LYS B 78 15.26 -15.12 12.07
CA LYS B 78 15.09 -14.75 13.48
C LYS B 78 15.55 -13.32 13.66
N ILE B 79 14.70 -12.49 14.23
CA ILE B 79 15.04 -11.12 14.58
C ILE B 79 15.46 -11.15 16.04
N THR B 80 16.76 -10.93 16.27
CA THR B 80 17.37 -11.24 17.57
C THR B 80 16.77 -10.44 18.71
N SER B 81 16.62 -9.14 18.52
CA SER B 81 16.15 -8.24 19.58
C SER B 81 15.38 -7.12 18.90
N PRO B 82 14.11 -7.34 18.57
CA PRO B 82 13.35 -6.38 17.76
C PRO B 82 13.24 -5.00 18.41
N THR B 83 13.31 -3.98 17.58
CA THR B 83 13.01 -2.59 17.88
C THR B 83 11.94 -2.11 16.90
N THR B 84 11.51 -0.85 16.99
CA THR B 84 10.57 -0.33 15.97
C THR B 84 11.16 -0.17 14.58
N GLU B 85 12.49 -0.13 14.42
CA GLU B 85 13.11 -0.19 13.10
C GLU B 85 12.75 -1.48 12.43
N ASP B 86 12.27 -2.45 13.20
CA ASP B 86 11.96 -3.72 12.63
C ASP B 86 10.50 -3.89 12.26
N THR B 87 9.63 -2.94 12.59
CA THR B 87 8.25 -2.99 12.10
C THR B 87 8.28 -2.83 10.59
N ALA B 88 7.81 -3.85 9.88
CA ALA B 88 7.94 -3.92 8.44
C ALA B 88 7.21 -5.15 7.94
N THR B 89 6.98 -5.18 6.63
CA THR B 89 6.66 -6.42 5.91
C THR B 89 7.96 -7.07 5.48
N TYR B 90 8.04 -8.39 5.72
CA TYR B 90 9.19 -9.19 5.37
C TYR B 90 8.80 -10.15 4.27
N PHE B 91 9.67 -10.22 3.26
CA PHE B 91 9.51 -11.12 2.13
C PHE B 91 10.68 -12.07 2.03
N CYS B 92 10.43 -13.30 1.63
N CYS B 92 10.41 -13.23 1.47
CA CYS B 92 11.51 -14.14 1.15
CA CYS B 92 11.41 -14.23 1.13
C CYS B 92 11.44 -14.20 -0.37
C CYS B 92 11.41 -14.37 -0.37
N ALA B 93 12.59 -14.41 -0.99
CA ALA B 93 12.71 -14.38 -2.43
C ALA B 93 13.81 -15.31 -2.93
N ARG B 94 13.49 -16.08 -3.95
CA ARG B 94 14.44 -16.99 -4.57
C ARG B 94 15.44 -16.21 -5.41
N TYR B 95 16.72 -16.59 -5.31
CA TYR B 95 17.77 -15.97 -6.11
C TYR B 95 18.13 -16.87 -7.28
N TYR B 96 18.17 -16.29 -8.46
N TYR B 96 18.18 -16.28 -8.47
CA TYR B 96 18.67 -17.00 -9.63
CA TYR B 96 18.74 -17.00 -9.60
C TYR B 96 19.56 -16.03 -10.41
C TYR B 96 19.59 -16.03 -10.41
N ALA B 97 18.94 -15.15 -11.16
CA ALA B 97 19.58 -13.96 -11.74
C ALA B 97 18.69 -12.83 -11.24
N GLY B 98 19.10 -12.18 -10.18
CA GLY B 98 18.13 -11.41 -9.47
C GLY B 98 17.19 -12.33 -8.71
N SER B 99 16.17 -11.72 -8.12
CA SER B 99 15.22 -12.44 -7.28
C SER B 99 13.91 -12.62 -8.01
N ASP B 100 13.61 -13.86 -8.39
CA ASP B 100 12.53 -14.11 -9.33
C ASP B 100 11.22 -14.55 -8.70
N ILE B 101 11.24 -15.24 -7.56
N ILE B 101 11.25 -15.28 -7.60
CA ILE B 101 10.04 -15.76 -6.91
CA ILE B 101 10.04 -15.68 -6.92
C ILE B 101 9.95 -15.13 -5.53
C ILE B 101 10.00 -14.96 -5.59
N TRP B 102 8.83 -14.43 -5.26
CA TRP B 102 8.62 -13.69 -4.02
C TRP B 102 7.32 -14.16 -3.39
N GLY B 103 7.25 -14.12 -2.05
CA GLY B 103 6.02 -14.40 -1.36
C GLY B 103 5.15 -13.18 -1.20
N PRO B 104 3.96 -13.37 -0.63
CA PRO B 104 3.07 -12.23 -0.36
C PRO B 104 3.56 -11.30 0.73
N GLY B 105 4.47 -11.76 1.56
CA GLY B 105 4.96 -11.00 2.69
C GLY B 105 4.26 -11.35 3.99
N THR B 106 4.94 -11.09 5.11
CA THR B 106 4.36 -11.21 6.44
C THR B 106 4.73 -9.98 7.26
N LEU B 107 3.79 -9.48 8.05
N LEU B 107 3.77 -9.48 8.02
CA LEU B 107 3.87 -8.15 8.67
CA LEU B 107 3.88 -8.19 8.69
C LEU B 107 4.23 -8.26 10.15
C LEU B 107 4.32 -8.38 10.14
N VAL B 108 5.37 -7.68 10.53
CA VAL B 108 5.85 -7.63 11.90
C VAL B 108 5.57 -6.26 12.48
N THR B 109 5.05 -6.21 13.70
CA THR B 109 4.82 -4.97 14.43
C THR B 109 5.52 -5.08 15.77
N VAL B 110 6.39 -4.12 16.08
CA VAL B 110 7.09 -4.13 17.35
C VAL B 110 6.56 -2.99 18.21
N SER B 111 5.86 -3.32 19.30
CA SER B 111 5.19 -2.33 20.13
C SER B 111 4.80 -2.96 21.45
N SER B 112 4.68 -2.12 22.47
CA SER B 112 4.13 -2.52 23.75
C SER B 112 2.62 -2.38 23.82
N ALA B 113 1.99 -1.82 22.81
CA ALA B 113 0.55 -1.65 22.82
C ALA B 113 -0.15 -2.98 22.61
N SER B 114 -1.40 -3.05 23.04
CA SER B 114 -2.18 -4.27 22.99
C SER B 114 -2.96 -4.40 21.70
N THR B 115 -3.23 -5.63 21.31
CA THR B 115 -4.12 -5.88 20.19
C THR B 115 -5.50 -5.34 20.51
N LYS B 116 -6.16 -4.74 19.52
CA LYS B 116 -7.51 -4.24 19.64
C LYS B 116 -8.23 -4.45 18.32
N GLY B 117 -9.38 -5.08 18.35
CA GLY B 117 -10.17 -5.23 17.14
C GLY B 117 -10.98 -3.98 16.81
N PRO B 118 -11.33 -3.82 15.53
CA PRO B 118 -12.02 -2.61 15.09
C PRO B 118 -13.50 -2.63 15.40
N SER B 119 -14.08 -1.43 15.43
CA SER B 119 -15.51 -1.24 15.30
C SER B 119 -15.80 -0.90 13.85
N VAL B 120 -16.90 -1.40 13.33
CA VAL B 120 -17.26 -1.18 11.94
C VAL B 120 -18.59 -0.43 11.89
N PHE B 121 -18.59 0.73 11.25
CA PHE B 121 -19.74 1.59 11.18
C PHE B 121 -20.13 1.84 9.73
N PRO B 122 -21.41 1.98 9.44
CA PRO B 122 -21.84 2.25 8.07
C PRO B 122 -21.59 3.68 7.64
N LEU B 123 -21.20 3.83 6.36
CA LEU B 123 -21.19 5.11 5.65
C LEU B 123 -22.40 4.98 4.73
N ALA B 124 -23.55 5.49 5.22
CA ALA B 124 -24.85 5.16 4.63
C ALA B 124 -25.08 6.04 3.43
N PRO B 125 -25.67 5.50 2.37
CA PRO B 125 -25.88 6.29 1.16
C PRO B 125 -26.91 7.38 1.38
N SER B 126 -26.63 8.55 0.80
CA SER B 126 -27.52 9.71 0.87
C SER B 126 -28.90 9.49 0.23
N GLY B 133 -26.69 9.62 -11.44
CA GLY B 133 -27.30 8.43 -10.88
C GLY B 133 -26.42 7.48 -10.13
N THR B 134 -25.29 7.98 -9.63
N THR B 134 -25.31 7.97 -9.58
CA THR B 134 -24.39 7.18 -8.81
CA THR B 134 -24.36 7.12 -8.85
C THR B 134 -24.59 7.51 -7.34
C THR B 134 -24.34 7.49 -7.37
N ALA B 135 -24.51 6.48 -6.51
CA ALA B 135 -24.51 6.64 -5.07
C ALA B 135 -23.25 6.05 -4.50
N ALA B 136 -22.79 6.60 -3.38
CA ALA B 136 -21.65 6.05 -2.67
C ALA B 136 -22.10 5.52 -1.32
N LEU B 137 -21.48 4.43 -0.90
CA LEU B 137 -21.70 3.89 0.43
C LEU B 137 -20.38 3.26 0.89
N GLY B 138 -20.31 2.89 2.16
CA GLY B 138 -19.04 2.39 2.65
C GLY B 138 -19.12 1.88 4.07
N CYS B 139 -17.95 1.49 4.57
N CYS B 139 -17.97 1.51 4.61
CA CYS B 139 -17.76 1.08 5.95
CA CYS B 139 -17.87 1.12 6.01
C CYS B 139 -16.55 1.81 6.52
C CYS B 139 -16.58 1.64 6.59
N LEU B 140 -16.73 2.34 7.72
CA LEU B 140 -15.65 2.94 8.51
C LEU B 140 -15.17 1.89 9.50
N VAL B 141 -13.89 1.56 9.41
CA VAL B 141 -13.25 0.52 10.22
C VAL B 141 -12.34 1.25 11.18
N LYS B 142 -12.80 1.40 12.42
CA LYS B 142 -12.20 2.35 13.34
C LYS B 142 -11.56 1.68 14.54
N ASP B 143 -10.37 2.17 14.88
CA ASP B 143 -9.74 1.93 16.16
C ASP B 143 -9.24 0.50 16.33
N TYR B 144 -8.28 0.09 15.51
CA TYR B 144 -7.73 -1.25 15.63
C TYR B 144 -6.21 -1.20 15.71
N PHE B 145 -5.65 -2.31 16.18
CA PHE B 145 -4.21 -2.41 16.31
C PHE B 145 -3.87 -3.89 16.43
N PRO B 146 -2.79 -4.37 15.83
CA PRO B 146 -1.90 -3.76 14.84
C PRO B 146 -2.56 -3.87 13.46
N GLU B 147 -1.79 -3.48 12.44
N GLU B 147 -1.84 -3.46 12.43
CA GLU B 147 -2.14 -3.80 11.06
CA GLU B 147 -2.25 -3.78 11.07
C GLU B 147 -2.10 -5.32 10.89
C GLU B 147 -2.03 -5.27 10.82
N PRO B 148 -2.70 -5.85 9.80
CA PRO B 148 -3.54 -5.20 8.80
C PRO B 148 -5.02 -5.56 8.95
N VAL B 149 -5.85 -4.83 8.22
CA VAL B 149 -7.27 -5.10 8.00
C VAL B 149 -7.46 -5.30 6.51
N THR B 150 -8.33 -6.21 6.14
CA THR B 150 -8.81 -6.34 4.79
C THR B 150 -10.31 -6.13 4.75
N VAL B 151 -10.80 -5.65 3.60
CA VAL B 151 -12.21 -5.41 3.38
C VAL B 151 -12.59 -5.95 2.02
N SER B 152 -13.69 -6.68 1.95
CA SER B 152 -14.32 -7.04 0.69
C SER B 152 -15.79 -6.59 0.74
N TRP B 153 -16.47 -6.67 -0.40
CA TRP B 153 -17.87 -6.32 -0.53
C TRP B 153 -18.62 -7.51 -1.11
N ASN B 154 -19.74 -7.86 -0.48
CA ASN B 154 -20.59 -8.98 -0.94
C ASN B 154 -19.76 -10.24 -1.16
N SER B 155 -18.87 -10.51 -0.21
CA SER B 155 -18.05 -11.71 -0.20
C SER B 155 -17.17 -11.82 -1.44
N GLY B 156 -16.79 -10.68 -2.01
CA GLY B 156 -15.92 -10.63 -3.15
C GLY B 156 -16.65 -10.52 -4.46
N ALA B 157 -17.99 -10.60 -4.44
CA ALA B 157 -18.74 -10.49 -5.68
C ALA B 157 -18.80 -9.06 -6.20
N LEU B 158 -18.57 -8.05 -5.35
CA LEU B 158 -18.61 -6.66 -5.75
C LEU B 158 -17.20 -6.11 -5.68
N THR B 159 -16.62 -5.82 -6.85
CA THR B 159 -15.27 -5.29 -6.92
C THR B 159 -15.18 -3.98 -7.71
N SER B 160 -16.04 -3.81 -8.70
N SER B 160 -16.03 -3.80 -8.70
CA SER B 160 -16.04 -2.60 -9.49
CA SER B 160 -16.02 -2.59 -9.51
C SER B 160 -16.37 -1.39 -8.63
C SER B 160 -16.39 -1.38 -8.68
N GLY B 161 -15.57 -0.34 -8.77
CA GLY B 161 -15.85 0.89 -8.06
C GLY B 161 -15.50 0.89 -6.59
N VAL B 162 -14.89 -0.18 -6.06
CA VAL B 162 -14.48 -0.23 -4.65
C VAL B 162 -13.18 0.54 -4.48
N HIS B 163 -13.10 1.35 -3.43
CA HIS B 163 -11.85 1.95 -2.99
C HIS B 163 -11.69 1.71 -1.50
N THR B 164 -10.66 0.94 -1.13
CA THR B 164 -10.32 0.75 0.27
C THR B 164 -9.09 1.60 0.54
N PHE B 165 -9.25 2.56 1.43
CA PHE B 165 -8.21 3.55 1.65
C PHE B 165 -7.09 2.98 2.50
N PRO B 166 -5.88 3.47 2.32
CA PRO B 166 -4.80 3.12 3.25
C PRO B 166 -5.17 3.48 4.67
N ALA B 167 -4.72 2.65 5.60
CA ALA B 167 -4.92 2.95 7.01
C ALA B 167 -4.17 4.20 7.41
N VAL B 168 -4.72 4.90 8.41
N VAL B 168 -4.78 4.94 8.34
CA VAL B 168 -4.10 6.09 8.98
CA VAL B 168 -4.13 6.05 9.03
C VAL B 168 -3.98 5.89 10.49
C VAL B 168 -3.89 5.64 10.47
N LEU B 169 -2.77 6.06 10.99
CA LEU B 169 -2.51 5.90 12.41
C LEU B 169 -2.97 7.17 13.10
N GLN B 170 -3.96 7.03 13.97
CA GLN B 170 -4.50 8.17 14.71
C GLN B 170 -3.56 8.52 15.87
N SER B 171 -3.75 9.73 16.40
CA SER B 171 -2.87 10.16 17.50
C SER B 171 -3.06 9.29 18.74
N SER B 172 -4.15 8.52 18.81
CA SER B 172 -4.38 7.56 19.88
C SER B 172 -3.47 6.34 19.79
N GLY B 173 -2.77 6.16 18.69
CA GLY B 173 -1.99 4.96 18.47
C GLY B 173 -2.77 3.83 17.86
N LEU B 174 -4.02 4.07 17.47
CA LEU B 174 -4.84 3.06 16.82
C LEU B 174 -5.07 3.47 15.37
N TYR B 175 -5.22 2.47 14.52
CA TYR B 175 -5.47 2.68 13.10
C TYR B 175 -6.95 2.82 12.81
N SER B 176 -7.23 3.45 11.66
N SER B 176 -7.27 3.50 11.70
CA SER B 176 -8.54 3.56 11.08
CA SER B 176 -8.61 3.49 11.13
C SER B 176 -8.44 3.54 9.56
C SER B 176 -8.54 3.66 9.62
N LEU B 177 -9.49 3.05 8.91
CA LEU B 177 -9.61 3.22 7.47
C LEU B 177 -11.08 3.17 7.11
N SER B 178 -11.40 3.61 5.90
N SER B 178 -11.39 3.53 5.87
CA SER B 178 -12.70 3.38 5.30
CA SER B 178 -12.72 3.33 5.33
C SER B 178 -12.54 2.59 4.01
C SER B 178 -12.62 2.70 3.96
N SER B 179 -13.61 1.89 3.64
CA SER B 179 -13.76 1.30 2.33
C SER B 179 -15.08 1.80 1.78
N VAL B 180 -15.07 2.25 0.52
CA VAL B 180 -16.24 2.79 -0.13
C VAL B 180 -16.45 2.10 -1.46
N VAL B 181 -17.67 2.22 -1.97
CA VAL B 181 -18.01 1.73 -3.30
C VAL B 181 -19.08 2.66 -3.86
N THR B 182 -19.02 2.89 -5.17
CA THR B 182 -20.08 3.60 -5.87
C THR B 182 -20.91 2.59 -6.64
N VAL B 183 -22.21 2.79 -6.60
CA VAL B 183 -23.17 1.85 -7.20
C VAL B 183 -24.29 2.67 -7.83
N PRO B 184 -25.11 2.07 -8.67
CA PRO B 184 -26.25 2.81 -9.22
C PRO B 184 -27.19 3.20 -8.09
N SER B 185 -27.63 4.46 -8.11
N SER B 185 -27.62 4.46 -8.11
CA SER B 185 -28.58 4.91 -7.07
CA SER B 185 -28.58 4.92 -7.10
C SER B 185 -29.85 4.07 -7.07
C SER B 185 -29.81 4.03 -7.06
N SER B 186 -30.29 3.60 -8.23
CA SER B 186 -31.50 2.79 -8.29
C SER B 186 -31.33 1.43 -7.64
N SER B 187 -30.10 1.00 -7.38
CA SER B 187 -29.89 -0.28 -6.75
C SER B 187 -30.03 -0.22 -5.25
N LEU B 188 -30.05 0.98 -4.66
CA LEU B 188 -30.16 1.07 -3.20
C LEU B 188 -31.44 0.43 -2.70
N GLY B 189 -32.53 0.52 -3.45
CA GLY B 189 -33.75 -0.09 -2.99
C GLY B 189 -33.80 -1.60 -3.11
N THR B 190 -32.94 -2.21 -3.91
CA THR B 190 -33.17 -3.58 -4.35
C THR B 190 -31.99 -4.52 -4.10
N GLN B 191 -30.77 -4.00 -4.17
N GLN B 191 -30.76 -3.99 -4.10
CA GLN B 191 -29.59 -4.81 -3.94
CA GLN B 191 -29.54 -4.78 -3.96
C GLN B 191 -29.20 -4.69 -2.48
C GLN B 191 -28.91 -4.60 -2.59
N THR B 192 -28.51 -5.71 -1.98
CA THR B 192 -27.93 -5.72 -0.64
C THR B 192 -26.42 -5.51 -0.73
N TYR B 193 -25.89 -4.60 0.08
CA TYR B 193 -24.47 -4.30 0.11
C TYR B 193 -23.94 -4.59 1.51
N ILE B 194 -23.00 -5.52 1.60
CA ILE B 194 -22.41 -5.95 2.87
C ILE B 194 -20.90 -5.81 2.76
N CYS B 195 -20.30 -5.07 3.71
N CYS B 195 -20.28 -5.21 3.79
CA CYS B 195 -18.84 -5.09 3.79
CA CYS B 195 -18.83 -5.02 3.86
C CYS B 195 -18.39 -6.21 4.71
C CYS B 195 -18.24 -6.05 4.82
N ASN B 196 -17.34 -6.90 4.29
CA ASN B 196 -16.78 -8.03 5.04
C ASN B 196 -15.40 -7.57 5.51
N VAL B 197 -15.26 -7.36 6.82
CA VAL B 197 -14.06 -6.79 7.43
C VAL B 197 -13.34 -7.89 8.19
N ASN B 198 -12.04 -8.06 7.95
N ASN B 198 -12.06 -8.06 7.90
CA ASN B 198 -11.25 -9.06 8.65
CA ASN B 198 -11.21 -9.00 8.62
C ASN B 198 -10.01 -8.42 9.27
C ASN B 198 -10.10 -8.23 9.32
N HIS B 199 -9.87 -8.56 10.59
CA HIS B 199 -8.70 -8.12 11.35
C HIS B 199 -8.17 -9.39 12.01
N LYS B 200 -7.34 -10.13 11.28
CA LYS B 200 -6.88 -11.41 11.81
C LYS B 200 -6.15 -11.27 13.13
N PRO B 201 -5.38 -10.20 13.39
CA PRO B 201 -4.65 -10.15 14.66
C PRO B 201 -5.56 -10.23 15.88
N SER B 202 -6.80 -9.76 15.80
CA SER B 202 -7.76 -9.82 16.91
C SER B 202 -8.83 -10.89 16.71
N ASN B 203 -8.70 -11.72 15.66
CA ASN B 203 -9.71 -12.71 15.28
C ASN B 203 -11.04 -12.09 14.93
N THR B 204 -11.06 -10.85 14.48
CA THR B 204 -12.33 -10.19 14.18
C THR B 204 -12.70 -10.39 12.71
N LYS B 205 -13.92 -10.85 12.48
CA LYS B 205 -14.52 -10.91 11.15
C LYS B 205 -15.93 -10.38 11.30
N VAL B 206 -16.25 -9.29 10.61
CA VAL B 206 -17.55 -8.62 10.74
C VAL B 206 -18.13 -8.49 9.35
N ASP B 207 -19.40 -8.83 9.21
CA ASP B 207 -20.18 -8.51 8.03
C ASP B 207 -21.18 -7.43 8.40
N LYS B 208 -21.13 -6.28 7.74
CA LYS B 208 -22.01 -5.17 8.06
C LYS B 208 -22.84 -4.82 6.82
N LYS B 209 -24.16 -4.94 6.93
CA LYS B 209 -25.05 -4.49 5.86
C LYS B 209 -25.14 -2.98 5.91
N VAL B 210 -24.94 -2.33 4.78
CA VAL B 210 -24.95 -0.87 4.68
C VAL B 210 -26.15 -0.46 3.84
N GLU B 211 -27.03 0.36 4.39
CA GLU B 211 -28.27 0.68 3.71
C GLU B 211 -28.67 2.10 4.01
N PRO B 212 -29.57 2.69 3.21
CA PRO B 212 -30.10 4.02 3.52
C PRO B 212 -30.66 4.07 4.94
N LYS B 213 -30.38 5.18 5.63
CA LYS B 213 -30.91 5.39 6.97
C LYS B 213 -32.37 5.78 6.89
N SER B 214 -33.21 5.13 7.68
CA SER B 214 -34.64 5.44 7.63
C SER B 214 -34.94 6.72 8.38
#